data_7VWB
#
_entry.id   7VWB
#
_cell.length_a   37.690
_cell.length_b   60.390
_cell.length_c   82.980
_cell.angle_alpha   90.000
_cell.angle_beta   99.130
_cell.angle_gamma   90.000
#
_symmetry.space_group_name_H-M   'P 1 21 1'
#
loop_
_entity.id
_entity.type
_entity.pdbx_description
1 polymer 'phloem lectin'
2 branched beta-D-galactopyranose-(1-4)-2-acetamido-2-deoxy-alpha-D-glucopyranose
3 non-polymer 1,2-ETHANEDIOL
4 water water
#
_entity_poly.entity_id   1
_entity_poly.type   'polypeptide(L)'
_entity_poly.pdbx_seq_one_letter_code
;MAGQSTHYLAFPRASTITWGDDTRYWSWATVDFCSYAIEEARLLQVSWLDCRWSMDASDFKQDIWYNASVEVMLTSNASG
WNVPLHLEIELPDGSKQESQIVLAGRQPNVWFKIPIGKFILRGSLTSGTIRFGFYNHEGNWKRGLNIRILAIQA
;
_entity_poly.pdbx_strand_id   A,B
#
loop_
_chem_comp.id
_chem_comp.type
_chem_comp.name
_chem_comp.formula
EDO non-polymer 1,2-ETHANEDIOL 'C2 H6 O2'
GAL D-saccharide, beta linking beta-D-galactopyranose 'C6 H12 O6'
NDG D-saccharide, alpha linking 2-acetamido-2-deoxy-alpha-D-glucopyranose 'C8 H15 N O6'
#
# COMPACT_ATOMS: atom_id res chain seq x y z
N SER A 5 -6.09 4.08 11.46
CA SER A 5 -6.56 3.48 10.18
C SER A 5 -5.38 3.32 9.20
N THR A 6 -5.53 2.33 8.31
CA THR A 6 -4.43 1.84 7.46
C THR A 6 -4.35 2.79 6.25
N HIS A 7 -3.17 3.32 5.98
CA HIS A 7 -2.93 4.23 4.82
C HIS A 7 -2.37 3.43 3.65
N TYR A 8 -1.44 2.51 3.93
CA TYR A 8 -0.81 1.65 2.89
C TYR A 8 -0.70 0.21 3.42
N LEU A 9 -0.93 -0.74 2.51
CA LEU A 9 -0.44 -2.12 2.62
C LEU A 9 0.60 -2.33 1.53
N ALA A 10 1.80 -2.78 1.91
CA ALA A 10 2.89 -3.14 0.98
C ALA A 10 3.14 -4.64 1.08
N PHE A 11 2.85 -5.40 0.01
CA PHE A 11 2.97 -6.87 -0.03
C PHE A 11 4.44 -7.20 -0.31
N PRO A 12 4.90 -8.41 0.05
CA PRO A 12 6.31 -8.75 -0.05
C PRO A 12 6.93 -8.66 -1.45
N ARG A 13 6.13 -8.78 -2.52
CA ARG A 13 6.68 -8.53 -3.88
C ARG A 13 7.22 -7.10 -3.99
N ALA A 14 6.74 -6.14 -3.18
CA ALA A 14 7.24 -4.75 -3.24
C ALA A 14 8.55 -4.64 -2.46
N SER A 15 8.88 -5.61 -1.61
CA SER A 15 10.09 -5.55 -0.76
C SER A 15 11.28 -6.12 -1.53
N THR A 16 12.47 -5.94 -0.98
CA THR A 16 13.73 -6.61 -1.39
C THR A 16 14.07 -7.63 -0.32
N ILE A 17 14.09 -8.90 -0.72
CA ILE A 17 14.36 -10.07 0.15
C ILE A 17 15.62 -10.76 -0.35
N THR A 18 16.60 -10.88 0.54
CA THR A 18 17.86 -11.57 0.18
C THR A 18 17.49 -13.02 -0.12
N TRP A 19 17.92 -13.51 -1.27
CA TRP A 19 17.68 -14.89 -1.77
C TRP A 19 16.21 -15.06 -2.15
N GLY A 20 15.45 -13.97 -2.27
CA GLY A 20 13.99 -14.05 -2.43
C GLY A 20 13.60 -14.75 -3.72
N ASP A 21 14.48 -14.73 -4.73
CA ASP A 21 14.21 -15.30 -6.07
C ASP A 21 14.79 -16.72 -6.20
N ASP A 22 15.36 -17.25 -5.12
CA ASP A 22 16.03 -18.58 -5.10
C ASP A 22 15.13 -19.59 -4.37
N THR A 23 14.55 -20.53 -5.11
CA THR A 23 13.53 -21.49 -4.60
C THR A 23 14.12 -22.51 -3.63
N ARG A 24 15.44 -22.54 -3.45
CA ARG A 24 16.11 -23.31 -2.38
C ARG A 24 15.75 -22.72 -1.01
N TYR A 25 15.42 -21.42 -0.97
CA TYR A 25 15.38 -20.64 0.30
C TYR A 25 13.99 -20.04 0.50
N TRP A 26 13.44 -19.42 -0.54
CA TRP A 26 12.13 -18.70 -0.50
C TRP A 26 11.20 -19.27 -1.56
N SER A 27 9.91 -19.41 -1.23
CA SER A 27 8.83 -19.67 -2.21
C SER A 27 7.84 -18.51 -2.19
N TRP A 28 7.04 -18.41 -3.25
CA TRP A 28 5.99 -17.39 -3.42
C TRP A 28 4.65 -18.10 -3.68
N ALA A 29 3.59 -17.79 -2.93
CA ALA A 29 2.28 -18.45 -3.09
C ALA A 29 1.24 -17.40 -3.41
N THR A 30 0.53 -17.53 -4.53
CA THR A 30 -0.62 -16.65 -4.86
C THR A 30 -1.83 -17.03 -3.99
N VAL A 31 -2.43 -16.06 -3.33
CA VAL A 31 -3.66 -16.23 -2.52
C VAL A 31 -4.49 -14.96 -2.71
N ASP A 32 -5.75 -15.04 -2.32
CA ASP A 32 -6.69 -13.91 -2.37
C ASP A 32 -6.52 -13.10 -1.09
N PHE A 33 -6.49 -11.78 -1.21
CA PHE A 33 -6.55 -10.87 -0.04
C PHE A 33 -7.73 -9.93 -0.29
N CYS A 34 -8.91 -10.33 0.19
CA CYS A 34 -10.18 -9.58 0.11
C CYS A 34 -10.35 -9.04 -1.33
N SER A 35 -10.23 -9.94 -2.30
CA SER A 35 -10.52 -9.75 -3.76
C SER A 35 -9.26 -9.41 -4.53
N TYR A 36 -8.18 -9.01 -3.87
CA TYR A 36 -6.86 -8.73 -4.48
C TYR A 36 -5.97 -9.98 -4.48
N ALA A 37 -5.39 -10.29 -5.63
CA ALA A 37 -4.40 -11.38 -5.75
C ALA A 37 -3.13 -10.89 -5.07
N ILE A 38 -2.66 -11.57 -4.04
CA ILE A 38 -1.34 -11.24 -3.44
C ILE A 38 -0.45 -12.49 -3.46
N GLU A 39 0.86 -12.32 -3.34
CA GLU A 39 1.79 -13.47 -3.18
C GLU A 39 2.46 -13.39 -1.82
N GLU A 40 2.26 -14.42 -1.01
CA GLU A 40 2.95 -14.58 0.28
C GLU A 40 4.39 -14.95 -0.01
N ALA A 41 5.33 -14.34 0.70
CA ALA A 41 6.74 -14.77 0.64
C ALA A 41 6.88 -15.82 1.75
N ARG A 42 7.15 -17.05 1.36
CA ARG A 42 7.14 -18.20 2.30
C ARG A 42 8.59 -18.70 2.43
N LEU A 43 9.19 -18.43 3.60
CA LEU A 43 10.58 -18.80 3.93
C LEU A 43 10.63 -20.32 4.19
N LEU A 44 11.30 -21.05 3.32
CA LEU A 44 11.64 -22.48 3.49
C LEU A 44 12.83 -22.58 4.45
N GLN A 45 13.93 -21.93 4.09
CA GLN A 45 15.11 -21.87 4.97
C GLN A 45 16.10 -20.84 4.42
N VAL A 46 16.61 -20.00 5.31
CA VAL A 46 17.68 -19.06 4.93
C VAL A 46 18.49 -18.70 6.19
N SER A 47 19.77 -18.36 6.02
CA SER A 47 20.64 -17.88 7.12
C SER A 47 20.67 -16.36 7.11
N TRP A 48 20.89 -15.78 5.95
CA TRP A 48 20.81 -14.30 5.74
C TRP A 48 19.34 -13.93 5.48
N LEU A 49 18.58 -13.76 6.57
CA LEU A 49 17.15 -13.31 6.55
C LEU A 49 17.14 -11.78 6.46
N ASP A 50 16.63 -11.23 5.38
CA ASP A 50 16.56 -9.75 5.23
C ASP A 50 15.42 -9.39 4.27
N CYS A 51 14.42 -8.72 4.80
CA CYS A 51 13.23 -8.24 4.06
C CYS A 51 13.11 -6.73 4.29
N ARG A 52 13.23 -5.94 3.24
CA ARG A 52 13.15 -4.47 3.35
C ARG A 52 12.17 -3.92 2.33
N TRP A 53 11.22 -3.12 2.81
CA TRP A 53 10.41 -2.21 1.98
C TRP A 53 11.05 -0.83 2.06
N SER A 54 10.99 -0.07 0.96
CA SER A 54 11.48 1.32 0.84
C SER A 54 10.37 2.15 0.23
N MET A 55 9.88 3.12 1.00
CA MET A 55 8.87 4.10 0.58
C MET A 55 9.39 5.49 0.92
N ASP A 56 9.10 6.47 0.08
CA ASP A 56 9.63 7.84 0.22
C ASP A 56 8.80 8.59 1.24
N ALA A 57 9.44 9.48 2.02
CA ALA A 57 8.78 10.33 3.03
C ALA A 57 7.64 11.10 2.36
N SER A 58 7.78 11.42 1.09
CA SER A 58 6.79 12.22 0.32
C SER A 58 5.51 11.40 0.14
N ASP A 59 5.55 10.10 0.40
CA ASP A 59 4.36 9.23 0.32
C ASP A 59 3.45 9.51 1.50
N PHE A 60 3.95 10.21 2.53
CA PHE A 60 3.25 10.30 3.83
C PHE A 60 2.93 11.78 4.07
N LYS A 61 2.08 12.06 5.04
CA LYS A 61 1.70 13.44 5.38
C LYS A 61 2.53 13.87 6.59
N GLN A 62 2.69 15.19 6.79
CA GLN A 62 3.54 15.71 7.87
C GLN A 62 2.72 15.77 9.16
N ASP A 63 3.44 15.76 10.29
CA ASP A 63 2.92 16.12 11.63
C ASP A 63 1.92 15.06 12.08
N ILE A 64 2.04 13.84 11.54
CA ILE A 64 1.15 12.69 11.86
C ILE A 64 2.01 11.51 12.32
N TRP A 65 1.66 10.89 13.43
CA TRP A 65 2.30 9.63 13.91
C TRP A 65 1.80 8.45 13.06
N TYR A 66 2.71 7.83 12.31
CA TYR A 66 2.45 6.56 11.59
C TYR A 66 3.03 5.41 12.41
N ASN A 67 2.31 4.29 12.48
CA ASN A 67 2.86 3.04 13.03
C ASN A 67 2.90 1.99 11.92
N ALA A 68 3.87 1.12 11.97
CA ALA A 68 4.05 0.06 10.94
C ALA A 68 4.05 -1.30 11.63
N SER A 69 3.42 -2.29 11.00
CA SER A 69 3.38 -3.70 11.44
C SER A 69 3.69 -4.60 10.23
N VAL A 70 4.29 -5.75 10.49
CA VAL A 70 4.48 -6.79 9.44
C VAL A 70 3.66 -7.98 9.89
N GLU A 71 2.77 -8.46 9.03
CA GLU A 71 1.87 -9.59 9.35
C GLU A 71 2.50 -10.87 8.79
N VAL A 72 2.65 -11.85 9.68
CA VAL A 72 3.43 -13.10 9.38
C VAL A 72 2.71 -14.30 9.99
N MET A 73 3.16 -15.49 9.62
CA MET A 73 2.65 -16.78 10.12
C MET A 73 3.82 -17.72 10.23
N LEU A 74 3.94 -18.45 11.34
CA LEU A 74 4.90 -19.55 11.48
C LEU A 74 4.24 -20.83 10.97
N THR A 75 4.96 -21.63 10.18
CA THR A 75 4.49 -22.94 9.68
C THR A 75 4.74 -23.99 10.77
N SER A 76 4.09 -25.15 10.63
CA SER A 76 4.24 -26.31 11.56
C SER A 76 5.71 -26.71 11.66
N ASN A 77 6.50 -26.53 10.59
CA ASN A 77 7.93 -26.93 10.49
C ASN A 77 8.88 -25.75 10.79
N ALA A 78 8.39 -24.67 11.41
CA ALA A 78 9.19 -23.47 11.72
C ALA A 78 10.34 -23.85 12.67
N SER A 79 11.53 -23.30 12.45
CA SER A 79 12.68 -23.52 13.37
C SER A 79 13.68 -22.40 13.17
N GLY A 80 14.58 -22.25 14.15
CA GLY A 80 15.68 -21.25 14.12
C GLY A 80 15.25 -19.92 14.71
N TRP A 81 14.12 -19.88 15.41
CA TRP A 81 13.51 -18.61 15.91
C TRP A 81 13.94 -18.35 17.36
N ASN A 82 14.95 -19.07 17.86
CA ASN A 82 15.57 -18.78 19.17
C ASN A 82 16.46 -17.54 19.05
N VAL A 83 16.84 -17.13 17.84
CA VAL A 83 17.59 -15.88 17.53
C VAL A 83 16.58 -14.76 17.32
N PRO A 84 16.92 -13.52 17.72
CA PRO A 84 16.00 -12.40 17.64
C PRO A 84 15.78 -11.99 16.18
N LEU A 85 14.52 -11.77 15.84
CA LEU A 85 14.17 -11.10 14.56
C LEU A 85 14.23 -9.59 14.80
N HIS A 86 15.18 -8.92 14.16
CA HIS A 86 15.39 -7.47 14.29
C HIS A 86 14.33 -6.78 13.44
N LEU A 87 13.67 -5.79 14.03
CA LEU A 87 12.63 -4.95 13.39
C LEU A 87 13.16 -3.53 13.25
N GLU A 88 13.06 -2.95 12.06
CA GLU A 88 13.67 -1.64 11.84
C GLU A 88 12.81 -0.75 10.96
N ILE A 89 12.70 0.52 11.38
CA ILE A 89 12.30 1.65 10.52
C ILE A 89 13.48 2.62 10.48
N GLU A 90 13.97 2.92 9.28
CA GLU A 90 15.05 3.92 9.05
C GLU A 90 14.47 5.12 8.27
N LEU A 91 14.61 6.32 8.85
CA LEU A 91 14.18 7.61 8.24
C LEU A 91 15.31 8.21 7.41
N PRO A 92 15.03 9.13 6.47
CA PRO A 92 16.05 9.66 5.56
C PRO A 92 17.04 10.60 6.24
N ASP A 93 16.81 10.99 7.50
CA ASP A 93 17.78 11.83 8.27
C ASP A 93 18.79 10.97 9.03
N GLY A 94 18.63 9.65 9.04
CA GLY A 94 19.55 8.70 9.70
C GLY A 94 18.92 7.93 10.84
N SER A 95 17.95 8.51 11.55
CA SER A 95 17.27 7.90 12.72
C SER A 95 16.72 6.51 12.37
N LYS A 96 16.95 5.53 13.24
CA LYS A 96 16.32 4.19 13.18
C LYS A 96 15.45 3.96 14.42
N GLN A 97 14.23 3.44 14.23
CA GLN A 97 13.48 2.67 15.26
C GLN A 97 13.95 1.23 15.22
N GLU A 98 14.51 0.75 16.31
CA GLU A 98 15.05 -0.62 16.38
C GLU A 98 14.40 -1.35 17.54
N SER A 99 13.96 -2.56 17.28
CA SER A 99 13.38 -3.44 18.30
C SER A 99 13.65 -4.86 17.86
N GLN A 100 13.28 -5.85 18.64
CA GLN A 100 13.45 -7.26 18.22
C GLN A 100 12.35 -8.12 18.83
N ILE A 101 12.19 -9.29 18.24
CA ILE A 101 11.18 -10.26 18.72
C ILE A 101 11.75 -11.65 18.56
N VAL A 102 11.57 -12.47 19.58
CA VAL A 102 11.97 -13.90 19.55
C VAL A 102 10.69 -14.69 19.28
N LEU A 103 10.62 -15.34 18.11
CA LEU A 103 9.37 -16.00 17.64
C LEU A 103 9.30 -17.46 18.12
N ALA A 104 10.37 -18.00 18.71
CA ALA A 104 10.45 -19.42 19.14
C ALA A 104 9.25 -19.74 20.06
N GLY A 105 8.51 -20.82 19.80
CA GLY A 105 7.44 -21.32 20.69
C GLY A 105 6.07 -20.71 20.38
N ARG A 106 5.99 -19.71 19.51
CA ARG A 106 4.68 -19.07 19.18
C ARG A 106 3.86 -20.07 18.34
N GLN A 107 2.53 -20.01 18.53
CA GLN A 107 1.55 -20.91 17.89
C GLN A 107 1.73 -20.78 16.38
N PRO A 108 1.91 -21.90 15.64
CA PRO A 108 2.02 -21.86 14.19
C PRO A 108 0.64 -21.72 13.55
N ASN A 109 0.62 -21.42 12.25
CA ASN A 109 -0.60 -21.42 11.38
C ASN A 109 -1.63 -20.39 11.85
N VAL A 110 -1.20 -19.32 12.49
CA VAL A 110 -2.09 -18.18 12.86
C VAL A 110 -1.38 -16.90 12.41
N TRP A 111 -2.08 -16.04 11.66
CA TRP A 111 -1.53 -14.72 11.26
C TRP A 111 -1.42 -13.84 12.49
N PHE A 112 -0.29 -13.16 12.68
CA PHE A 112 -0.13 -12.15 13.76
C PHE A 112 0.67 -10.98 13.22
N LYS A 113 0.42 -9.80 13.78
CA LYS A 113 0.97 -8.54 13.29
C LYS A 113 2.06 -8.12 14.26
N ILE A 114 3.28 -8.02 13.76
CA ILE A 114 4.47 -7.59 14.55
C ILE A 114 4.60 -6.08 14.37
N PRO A 115 4.47 -5.29 15.45
CA PRO A 115 4.70 -3.86 15.35
C PRO A 115 6.20 -3.64 15.16
N ILE A 116 6.59 -2.80 14.18
CA ILE A 116 8.02 -2.56 13.90
C ILE A 116 8.38 -1.10 14.23
N GLY A 117 7.45 -0.32 14.80
CA GLY A 117 7.77 1.02 15.33
C GLY A 117 6.91 2.11 14.73
N LYS A 118 7.25 3.36 15.03
CA LYS A 118 6.42 4.52 14.65
C LYS A 118 7.36 5.63 14.19
N PHE A 119 6.86 6.52 13.33
CA PHE A 119 7.63 7.71 12.89
C PHE A 119 6.66 8.89 12.70
N ILE A 120 7.26 10.08 12.65
CA ILE A 120 6.55 11.34 12.34
C ILE A 120 7.47 12.15 11.44
N LEU A 121 6.89 12.81 10.44
CA LEU A 121 7.63 13.69 9.51
C LEU A 121 7.33 15.14 9.89
N ARG A 122 8.36 15.91 10.21
CA ARG A 122 8.23 17.32 10.66
C ARG A 122 9.17 18.22 9.87
N GLY A 123 8.86 19.52 9.88
CA GLY A 123 9.73 20.61 9.37
C GLY A 123 9.97 20.38 7.88
N SER A 124 11.22 20.35 7.43
CA SER A 124 11.58 20.15 6.00
C SER A 124 11.88 18.68 5.70
N LEU A 125 11.53 17.76 6.63
CA LEU A 125 11.53 16.28 6.40
C LEU A 125 10.32 15.95 5.51
N THR A 126 10.50 16.24 4.24
CA THR A 126 9.45 16.33 3.19
C THR A 126 9.60 15.13 2.24
N SER A 127 10.76 14.48 2.24
CA SER A 127 11.26 13.64 1.13
C SER A 127 12.49 12.83 1.60
N GLY A 128 12.79 11.77 0.86
CA GLY A 128 13.87 10.82 1.18
C GLY A 128 13.31 9.47 1.56
N THR A 129 14.09 8.41 1.32
CA THR A 129 13.64 7.00 1.49
C THR A 129 13.40 6.71 2.99
N ILE A 130 12.26 6.09 3.30
CA ILE A 130 12.02 5.40 4.59
C ILE A 130 12.09 3.89 4.35
N ARG A 131 12.85 3.19 5.19
CA ARG A 131 13.06 1.74 5.03
C ARG A 131 12.27 1.07 6.15
N PHE A 132 11.47 0.06 5.81
CA PHE A 132 10.73 -0.74 6.81
C PHE A 132 11.15 -2.21 6.63
N GLY A 133 11.64 -2.88 7.67
CA GLY A 133 12.16 -4.24 7.46
C GLY A 133 12.40 -5.03 8.70
N PHE A 134 12.78 -6.28 8.47
CA PHE A 134 13.15 -7.25 9.53
C PHE A 134 14.29 -8.10 9.00
N TYR A 135 15.18 -8.52 9.88
CA TYR A 135 16.36 -9.29 9.47
C TYR A 135 16.90 -10.08 10.65
N ASN A 136 17.56 -11.19 10.31
CA ASN A 136 18.56 -11.85 11.18
C ASN A 136 19.65 -12.46 10.31
N HIS A 137 20.88 -12.01 10.53
CA HIS A 137 22.04 -12.35 9.65
C HIS A 137 22.93 -13.42 10.28
N GLU A 138 22.53 -14.02 11.40
CA GLU A 138 23.35 -15.02 12.13
C GLU A 138 23.44 -16.33 11.31
N GLY A 139 24.46 -17.15 11.60
CA GLY A 139 24.85 -18.30 10.76
C GLY A 139 23.88 -19.45 10.87
N ASN A 140 22.86 -19.31 11.71
CA ASN A 140 21.84 -20.35 11.91
C ASN A 140 20.82 -20.25 10.78
N TRP A 141 20.00 -21.29 10.61
CA TRP A 141 19.00 -21.38 9.51
C TRP A 141 17.61 -21.06 10.05
N LYS A 142 17.01 -19.98 9.52
CA LYS A 142 15.60 -19.60 9.83
C LYS A 142 14.69 -20.30 8.82
N ARG A 143 13.62 -20.91 9.33
CA ARG A 143 12.71 -21.73 8.52
C ARG A 143 11.25 -21.55 8.94
N GLY A 144 10.38 -21.49 7.94
CA GLY A 144 8.92 -21.63 8.13
C GLY A 144 8.27 -20.35 8.65
N LEU A 145 8.60 -19.22 8.03
CA LEU A 145 7.89 -17.93 8.29
C LEU A 145 7.32 -17.45 6.96
N ASN A 146 6.02 -17.19 6.91
CA ASN A 146 5.30 -16.71 5.71
C ASN A 146 4.94 -15.26 5.97
N ILE A 147 5.17 -14.40 5.00
CA ILE A 147 4.99 -12.94 5.13
C ILE A 147 3.79 -12.55 4.30
N ARG A 148 2.81 -11.89 4.91
CA ARG A 148 1.61 -11.37 4.21
C ARG A 148 1.81 -9.94 3.74
N ILE A 149 2.04 -9.02 4.66
CA ILE A 149 2.03 -7.57 4.32
C ILE A 149 2.75 -6.73 5.37
N LEU A 150 3.28 -5.61 4.91
CA LEU A 150 3.60 -4.42 5.72
C LEU A 150 2.32 -3.59 5.78
N ALA A 151 1.91 -3.14 6.97
CA ALA A 151 0.80 -2.17 7.08
C ALA A 151 1.36 -0.90 7.75
N ILE A 152 1.05 0.26 7.18
CA ILE A 152 1.38 1.60 7.76
C ILE A 152 0.06 2.29 8.10
N GLN A 153 -0.13 2.61 9.39
CA GLN A 153 -1.37 3.16 9.99
C GLN A 153 -1.09 4.53 10.60
N ALA A 154 -2.14 5.35 10.70
CA ALA A 154 -2.18 6.63 11.44
C ALA A 154 -3.60 6.88 11.98
N SER B 5 0.00 -9.71 -9.52
CA SER B 5 -0.28 -9.65 -8.05
C SER B 5 -0.09 -8.22 -7.51
N THR B 6 -0.75 -7.95 -6.39
CA THR B 6 -0.87 -6.62 -5.80
C THR B 6 0.41 -6.30 -5.03
N HIS B 7 1.06 -5.18 -5.33
CA HIS B 7 2.30 -4.76 -4.62
C HIS B 7 1.93 -3.77 -3.50
N TYR B 8 0.99 -2.86 -3.77
CA TYR B 8 0.56 -1.83 -2.82
C TYR B 8 -0.96 -1.66 -2.91
N LEU B 9 -1.54 -1.43 -1.74
CA LEU B 9 -2.88 -0.82 -1.60
C LEU B 9 -2.67 0.52 -0.89
N ALA B 10 -3.19 1.59 -1.46
CA ALA B 10 -3.17 2.95 -0.87
C ALA B 10 -4.62 3.38 -0.60
N PHE B 11 -5.03 3.48 0.66
CA PHE B 11 -6.40 3.83 1.09
C PHE B 11 -6.57 5.34 0.97
N PRO B 12 -7.79 5.86 0.84
CA PRO B 12 -8.00 7.27 0.57
C PRO B 12 -7.48 8.24 1.62
N ARG B 13 -7.28 7.81 2.87
CA ARG B 13 -6.63 8.71 3.87
C ARG B 13 -5.21 9.06 3.37
N ALA B 14 -4.58 8.23 2.53
CA ALA B 14 -3.22 8.52 2.02
C ALA B 14 -3.31 9.48 0.85
N SER B 15 -4.50 9.69 0.28
CA SER B 15 -4.66 10.58 -0.90
C SER B 15 -4.88 12.02 -0.44
N THR B 16 -4.85 12.95 -1.40
CA THR B 16 -5.32 14.35 -1.23
C THR B 16 -6.62 14.47 -2.01
N ILE B 17 -7.69 14.79 -1.30
CA ILE B 17 -9.07 14.98 -1.83
C ILE B 17 -9.48 16.41 -1.58
N THR B 18 -9.79 17.15 -2.65
CA THR B 18 -10.30 18.52 -2.52
C THR B 18 -11.60 18.45 -1.70
N TRP B 19 -11.69 19.27 -0.65
CA TRP B 19 -12.86 19.35 0.26
C TRP B 19 -12.98 18.09 1.11
N GLY B 20 -11.95 17.23 1.13
CA GLY B 20 -12.03 15.91 1.77
C GLY B 20 -12.28 16.02 3.27
N ASP B 21 -11.93 17.17 3.88
CA ASP B 21 -12.04 17.36 5.34
C ASP B 21 -13.31 18.15 5.70
N ASP B 22 -14.14 18.46 4.70
CA ASP B 22 -15.39 19.25 4.83
C ASP B 22 -16.60 18.31 4.75
N THR B 23 -17.30 18.10 5.87
CA THR B 23 -18.41 17.11 6.01
C THR B 23 -19.66 17.54 5.23
N ARG B 24 -19.68 18.75 4.65
CA ARG B 24 -20.74 19.20 3.71
C ARG B 24 -20.62 18.38 2.42
N TYR B 25 -19.43 17.85 2.12
CA TYR B 25 -19.10 17.33 0.77
C TYR B 25 -18.65 15.87 0.87
N TRP B 26 -17.76 15.57 1.82
CA TRP B 26 -17.10 14.24 2.00
C TRP B 26 -17.33 13.75 3.43
N SER B 27 -17.64 12.46 3.57
CA SER B 27 -17.61 11.75 4.87
C SER B 27 -16.54 10.65 4.80
N TRP B 28 -16.14 10.19 5.98
CA TRP B 28 -15.18 9.08 6.17
C TRP B 28 -15.87 8.03 7.04
N ALA B 29 -15.92 6.77 6.61
CA ALA B 29 -16.51 5.68 7.40
C ALA B 29 -15.45 4.63 7.71
N THR B 30 -15.33 4.27 8.98
CA THR B 30 -14.41 3.19 9.45
C THR B 30 -15.05 1.83 9.14
N VAL B 31 -14.31 0.97 8.46
CA VAL B 31 -14.74 -0.42 8.18
C VAL B 31 -13.51 -1.31 8.30
N ASP B 32 -13.75 -2.61 8.42
CA ASP B 32 -12.70 -3.64 8.42
C ASP B 32 -12.41 -4.02 6.97
N PHE B 33 -11.13 -4.11 6.63
CA PHE B 33 -10.69 -4.65 5.32
C PHE B 33 -9.65 -5.74 5.58
N CYS B 34 -10.05 -7.01 5.48
CA CYS B 34 -9.12 -8.15 5.67
C CYS B 34 -8.38 -8.00 6.98
N SER B 35 -9.03 -7.57 8.08
CA SER B 35 -8.45 -7.44 9.44
C SER B 35 -7.71 -6.11 9.66
N TYR B 36 -7.68 -5.23 8.66
CA TYR B 36 -7.16 -3.84 8.76
C TYR B 36 -8.32 -2.85 8.82
N ALA B 37 -8.28 -1.98 9.81
CA ALA B 37 -9.19 -0.83 9.94
C ALA B 37 -8.86 0.12 8.79
N ILE B 38 -9.81 0.40 7.93
CA ILE B 38 -9.62 1.44 6.87
C ILE B 38 -10.79 2.43 6.97
N GLU B 39 -10.62 3.59 6.36
CA GLU B 39 -11.71 4.58 6.24
C GLU B 39 -12.04 4.76 4.76
N GLU B 40 -13.29 4.46 4.39
CA GLU B 40 -13.84 4.75 3.06
C GLU B 40 -14.03 6.25 2.96
N ALA B 41 -13.64 6.85 1.84
CA ALA B 41 -13.97 8.27 1.56
C ALA B 41 -15.31 8.23 0.83
N ARG B 42 -16.34 8.77 1.45
CA ARG B 42 -17.73 8.64 0.93
C ARG B 42 -18.19 10.01 0.49
N LEU B 43 -18.29 10.20 -0.84
CA LEU B 43 -18.69 11.47 -1.48
C LEU B 43 -20.20 11.64 -1.29
N LEU B 44 -20.59 12.63 -0.52
CA LEU B 44 -21.99 13.12 -0.38
C LEU B 44 -22.30 13.99 -1.60
N GLN B 45 -21.60 15.11 -1.77
CA GLN B 45 -21.76 15.93 -2.98
C GLN B 45 -20.54 16.83 -3.12
N VAL B 46 -19.99 16.95 -4.32
CA VAL B 46 -18.93 17.94 -4.60
C VAL B 46 -18.98 18.29 -6.10
N SER B 47 -18.55 19.50 -6.46
CA SER B 47 -18.41 19.93 -7.88
C SER B 47 -16.97 19.73 -8.33
N TRP B 48 -16.03 20.24 -7.54
CA TRP B 48 -14.59 19.99 -7.74
C TRP B 48 -14.21 18.63 -7.11
N LEU B 49 -14.43 17.55 -7.87
CA LEU B 49 -14.05 16.16 -7.55
C LEU B 49 -12.58 15.97 -7.92
N ASP B 50 -11.72 15.75 -6.94
CA ASP B 50 -10.28 15.52 -7.21
C ASP B 50 -9.70 14.69 -6.08
N CYS B 51 -9.25 13.48 -6.41
CA CYS B 51 -8.59 12.52 -5.50
C CYS B 51 -7.23 12.15 -6.10
N ARG B 52 -6.13 12.43 -5.39
CA ARG B 52 -4.77 12.15 -5.89
C ARG B 52 -3.97 11.43 -4.81
N TRP B 53 -3.44 10.26 -5.16
CA TRP B 53 -2.33 9.61 -4.42
C TRP B 53 -1.02 9.96 -5.10
N SER B 54 0.02 10.11 -4.30
CA SER B 54 1.41 10.43 -4.72
C SER B 54 2.31 9.44 -4.03
N MET B 55 2.97 8.61 -4.84
CA MET B 55 3.98 7.62 -4.40
C MET B 55 5.22 7.83 -5.26
N ASP B 56 6.40 7.69 -4.67
CA ASP B 56 7.68 7.93 -5.35
C ASP B 56 8.01 6.73 -6.25
N ALA B 57 8.62 6.98 -7.40
CA ALA B 57 9.08 5.96 -8.37
C ALA B 57 9.99 4.96 -7.66
N SER B 58 10.71 5.41 -6.64
CA SER B 58 11.67 4.58 -5.88
C SER B 58 10.89 3.52 -5.08
N ASP B 59 9.58 3.67 -4.95
CA ASP B 59 8.75 2.68 -4.23
C ASP B 59 8.61 1.43 -5.10
N PHE B 60 8.96 1.53 -6.38
CA PHE B 60 8.60 0.50 -7.39
C PHE B 60 9.89 -0.08 -7.96
N LYS B 61 9.78 -1.17 -8.70
CA LYS B 61 10.95 -1.83 -9.33
C LYS B 61 11.01 -1.43 -10.80
N GLN B 62 12.20 -1.52 -11.41
CA GLN B 62 12.38 -1.15 -12.85
C GLN B 62 11.95 -2.30 -13.73
N ASP B 63 11.61 -1.99 -14.97
CA ASP B 63 11.49 -2.92 -16.11
C ASP B 63 10.33 -3.88 -15.87
N ILE B 64 9.33 -3.44 -15.11
CA ILE B 64 8.12 -4.22 -14.78
C ILE B 64 6.92 -3.35 -15.13
N TRP B 65 5.96 -3.91 -15.85
CA TRP B 65 4.65 -3.24 -16.09
C TRP B 65 3.81 -3.31 -14.82
N TYR B 66 3.49 -2.15 -14.25
CA TYR B 66 2.51 -1.97 -13.17
C TYR B 66 1.17 -1.54 -13.77
N ASN B 67 0.08 -2.08 -13.26
CA ASN B 67 -1.26 -1.51 -13.53
C ASN B 67 -1.86 -0.99 -12.22
N ALA B 68 -2.65 0.06 -12.33
CA ALA B 68 -3.30 0.68 -11.16
C ALA B 68 -4.81 0.67 -11.38
N SER B 69 -5.57 0.42 -10.31
CA SER B 69 -7.05 0.47 -10.30
C SER B 69 -7.50 1.23 -9.06
N VAL B 70 -8.64 1.91 -9.15
CA VAL B 70 -9.30 2.49 -7.96
C VAL B 70 -10.60 1.73 -7.74
N GLU B 71 -10.79 1.20 -6.55
CA GLU B 71 -11.99 0.41 -6.22
C GLU B 71 -13.03 1.33 -5.55
N VAL B 72 -14.23 1.35 -6.12
CA VAL B 72 -15.28 2.31 -5.72
C VAL B 72 -16.64 1.61 -5.72
N MET B 73 -17.62 2.27 -5.14
CA MET B 73 -19.03 1.82 -5.10
C MET B 73 -19.92 3.05 -5.28
N LEU B 74 -20.94 2.94 -6.12
CA LEU B 74 -21.98 3.99 -6.24
C LEU B 74 -23.07 3.69 -5.21
N THR B 75 -23.54 4.72 -4.52
CA THR B 75 -24.67 4.58 -3.54
C THR B 75 -26.00 4.63 -4.30
N SER B 76 -27.07 4.21 -3.63
CA SER B 76 -28.48 4.26 -4.11
C SER B 76 -28.83 5.67 -4.59
N ASN B 77 -28.28 6.71 -3.95
CA ASN B 77 -28.60 8.14 -4.25
C ASN B 77 -27.53 8.78 -5.17
N ALA B 78 -26.70 7.98 -5.84
CA ALA B 78 -25.59 8.50 -6.68
C ALA B 78 -26.16 9.34 -7.82
N SER B 79 -25.54 10.46 -8.16
CA SER B 79 -26.01 11.29 -9.29
C SER B 79 -24.85 12.15 -9.79
N GLY B 80 -25.00 12.65 -11.02
CA GLY B 80 -24.04 13.53 -11.68
C GLY B 80 -22.95 12.77 -12.42
N TRP B 81 -23.17 11.50 -12.70
CA TRP B 81 -22.15 10.60 -13.32
C TRP B 81 -22.37 10.52 -14.84
N ASN B 82 -23.18 11.43 -15.39
CA ASN B 82 -23.26 11.63 -16.86
C ASN B 82 -22.02 12.35 -17.38
N VAL B 83 -21.25 13.03 -16.51
CA VAL B 83 -19.95 13.69 -16.87
C VAL B 83 -18.84 12.65 -16.69
N PRO B 84 -17.80 12.69 -17.54
CA PRO B 84 -16.72 11.71 -17.51
C PRO B 84 -15.86 11.88 -16.27
N LEU B 85 -15.56 10.75 -15.63
CA LEU B 85 -14.55 10.72 -14.55
C LEU B 85 -13.18 10.51 -15.19
N HIS B 86 -12.33 11.53 -15.11
CA HIS B 86 -10.97 11.50 -15.70
C HIS B 86 -10.10 10.66 -14.79
N LEU B 87 -9.35 9.75 -15.39
CA LEU B 87 -8.40 8.83 -14.71
C LEU B 87 -6.98 9.20 -15.16
N GLU B 88 -6.07 9.35 -14.21
CA GLU B 88 -4.72 9.81 -14.58
C GLU B 88 -3.65 9.09 -13.77
N ILE B 89 -2.58 8.71 -14.49
CA ILE B 89 -1.25 8.40 -13.90
C ILE B 89 -0.26 9.40 -14.52
N GLU B 90 0.40 10.18 -13.67
CA GLU B 90 1.51 11.08 -14.08
C GLU B 90 2.83 10.57 -13.49
N LEU B 91 3.81 10.33 -14.35
CA LEU B 91 5.18 9.90 -13.96
C LEU B 91 6.08 11.13 -13.79
N PRO B 92 7.20 11.02 -13.04
CA PRO B 92 8.03 12.18 -12.71
C PRO B 92 8.83 12.73 -13.90
N ASP B 93 8.86 12.02 -15.03
CA ASP B 93 9.55 12.45 -16.27
C ASP B 93 8.63 13.28 -17.16
N GLY B 94 7.33 13.40 -16.82
CA GLY B 94 6.35 14.21 -17.56
C GLY B 94 5.22 13.38 -18.15
N SER B 95 5.48 12.13 -18.49
CA SER B 95 4.49 11.25 -19.18
C SER B 95 3.21 11.13 -18.34
N LYS B 96 2.03 11.23 -18.98
CA LYS B 96 0.71 10.98 -18.36
C LYS B 96 -0.03 9.87 -19.10
N GLN B 97 -0.61 8.93 -18.37
CA GLN B 97 -1.70 8.05 -18.85
C GLN B 97 -3.01 8.77 -18.56
N GLU B 98 -3.79 9.06 -19.57
CA GLU B 98 -5.10 9.73 -19.36
C GLU B 98 -6.17 8.85 -20.01
N SER B 99 -7.28 8.67 -19.30
CA SER B 99 -8.44 7.90 -19.81
C SER B 99 -9.66 8.46 -19.09
N GLN B 100 -10.86 7.95 -19.36
CA GLN B 100 -12.05 8.45 -18.66
C GLN B 100 -13.13 7.38 -18.66
N ILE B 101 -14.06 7.53 -17.74
CA ILE B 101 -15.15 6.54 -17.56
C ILE B 101 -16.40 7.32 -17.19
N VAL B 102 -17.51 6.95 -17.83
CA VAL B 102 -18.83 7.52 -17.49
C VAL B 102 -19.52 6.49 -16.61
N LEU B 103 -19.78 6.84 -15.35
CA LEU B 103 -20.28 5.87 -14.33
C LEU B 103 -21.81 5.78 -14.33
N ALA B 104 -22.50 6.66 -15.06
CA ALA B 104 -23.99 6.72 -15.09
C ALA B 104 -24.54 5.35 -15.48
N GLY B 105 -25.49 4.81 -14.71
CA GLY B 105 -26.19 3.55 -15.03
C GLY B 105 -25.49 2.30 -14.51
N ARG B 106 -24.30 2.41 -13.91
CA ARG B 106 -23.66 1.25 -13.25
C ARG B 106 -24.48 0.89 -12.00
N GLN B 107 -24.53 -0.42 -11.69
CA GLN B 107 -25.27 -1.00 -10.54
C GLN B 107 -24.71 -0.35 -9.28
N PRO B 108 -25.57 0.21 -8.40
CA PRO B 108 -25.11 0.76 -7.13
C PRO B 108 -24.86 -0.37 -6.13
N ASN B 109 -24.16 -0.05 -5.04
CA ASN B 109 -23.92 -0.95 -3.88
C ASN B 109 -23.14 -2.20 -4.27
N VAL B 110 -22.33 -2.15 -5.31
CA VAL B 110 -21.39 -3.25 -5.68
C VAL B 110 -20.01 -2.62 -5.91
N TRP B 111 -18.97 -3.17 -5.29
CA TRP B 111 -17.58 -2.70 -5.50
C TRP B 111 -17.12 -3.05 -6.91
N PHE B 112 -16.52 -2.12 -7.63
CA PHE B 112 -15.88 -2.39 -8.93
C PHE B 112 -14.56 -1.64 -8.99
N LYS B 113 -13.61 -2.20 -9.73
CA LYS B 113 -12.24 -1.69 -9.83
C LYS B 113 -12.13 -0.99 -11.17
N ILE B 114 -11.85 0.31 -11.14
CA ILE B 114 -11.66 1.15 -12.35
C ILE B 114 -10.19 1.12 -12.68
N PRO B 115 -9.77 0.56 -13.83
CA PRO B 115 -8.38 0.60 -14.22
C PRO B 115 -8.07 2.06 -14.57
N ILE B 116 -6.96 2.60 -14.06
CA ILE B 116 -6.60 4.01 -14.34
C ILE B 116 -5.30 4.05 -15.19
N GLY B 117 -4.79 2.90 -15.63
CA GLY B 117 -3.70 2.81 -16.62
C GLY B 117 -2.54 1.99 -16.11
N LYS B 118 -1.42 2.04 -16.83
CA LYS B 118 -0.24 1.19 -16.57
C LYS B 118 1.01 2.07 -16.72
N PHE B 119 2.10 1.69 -16.08
CA PHE B 119 3.40 2.37 -16.25
C PHE B 119 4.54 1.36 -16.13
N ILE B 120 5.69 1.76 -16.65
CA ILE B 120 6.96 0.99 -16.53
C ILE B 120 8.04 2.03 -16.26
N LEU B 121 8.95 1.70 -15.36
CA LEU B 121 10.11 2.55 -15.02
C LEU B 121 11.35 1.92 -15.68
N ARG B 122 12.02 2.67 -16.53
CA ARG B 122 13.18 2.20 -17.32
C ARG B 122 14.32 3.20 -17.21
N GLY B 123 15.52 2.76 -17.61
CA GLY B 123 16.74 3.59 -17.65
C GLY B 123 17.04 4.12 -16.27
N SER B 124 17.26 5.43 -16.12
CA SER B 124 17.56 5.99 -14.78
C SER B 124 16.32 6.72 -14.24
N LEU B 125 15.13 6.29 -14.67
CA LEU B 125 13.83 6.64 -14.01
C LEU B 125 13.75 5.86 -12.68
N THR B 126 14.43 6.42 -11.70
CA THR B 126 14.83 5.77 -10.43
C THR B 126 13.98 6.31 -9.26
N SER B 127 13.32 7.46 -9.46
CA SER B 127 12.91 8.38 -8.36
C SER B 127 12.04 9.50 -8.93
N GLY B 128 11.28 10.15 -8.04
CA GLY B 128 10.35 11.24 -8.35
C GLY B 128 8.91 10.80 -8.15
N THR B 129 8.01 11.74 -7.87
CA THR B 129 6.59 11.44 -7.52
C THR B 129 5.87 10.83 -8.74
N ILE B 130 5.15 9.74 -8.51
CA ILE B 130 4.09 9.24 -9.42
C ILE B 130 2.74 9.61 -8.80
N ARG B 131 1.88 10.22 -9.60
CA ARG B 131 0.54 10.66 -9.14
C ARG B 131 -0.46 9.67 -9.74
N PHE B 132 -1.35 9.14 -8.90
CA PHE B 132 -2.48 8.31 -9.34
C PHE B 132 -3.78 8.98 -8.89
N GLY B 133 -4.71 9.23 -9.81
CA GLY B 133 -5.88 10.01 -9.41
C GLY B 133 -7.02 9.93 -10.37
N PHE B 134 -8.12 10.51 -9.94
CA PHE B 134 -9.35 10.67 -10.74
C PHE B 134 -9.92 12.04 -10.36
N TYR B 135 -10.56 12.69 -11.34
CA TYR B 135 -11.17 14.01 -11.10
C TYR B 135 -12.29 14.27 -12.12
N ASN B 136 -13.22 15.11 -11.70
CA ASN B 136 -14.09 15.90 -12.62
C ASN B 136 -14.33 17.28 -11.98
N HIS B 137 -13.93 18.34 -12.70
CA HIS B 137 -13.93 19.73 -12.18
C HIS B 137 -15.11 20.53 -12.75
N GLU B 138 -16.06 19.89 -13.44
CA GLU B 138 -17.21 20.59 -14.08
C GLU B 138 -18.18 21.10 -13.00
N GLY B 139 -18.99 22.11 -13.34
CA GLY B 139 -19.78 22.87 -12.36
C GLY B 139 -20.95 22.07 -11.82
N ASN B 140 -21.14 20.85 -12.30
CA ASN B 140 -22.23 19.97 -11.83
C ASN B 140 -21.79 19.33 -10.52
N TRP B 141 -22.74 18.75 -9.80
CA TRP B 141 -22.54 18.14 -8.47
C TRP B 141 -22.46 16.62 -8.62
N LYS B 142 -21.31 16.06 -8.26
CA LYS B 142 -21.10 14.58 -8.19
C LYS B 142 -21.48 14.13 -6.78
N ARG B 143 -22.27 13.08 -6.70
CA ARG B 143 -22.79 12.55 -5.43
C ARG B 143 -22.79 11.01 -5.41
N GLY B 144 -22.48 10.47 -4.25
CA GLY B 144 -22.70 9.05 -3.91
C GLY B 144 -21.66 8.13 -4.53
N LEU B 145 -20.37 8.51 -4.49
CA LEU B 145 -19.22 7.63 -4.85
C LEU B 145 -18.43 7.35 -3.57
N ASN B 146 -18.29 6.09 -3.20
CA ASN B 146 -17.48 5.69 -2.01
C ASN B 146 -16.21 5.05 -2.54
N ILE B 147 -15.08 5.46 -1.98
CA ILE B 147 -13.74 5.05 -2.48
C ILE B 147 -13.14 4.12 -1.44
N ARG B 148 -12.75 2.91 -1.87
CA ARG B 148 -12.09 1.94 -0.97
C ARG B 148 -10.56 2.08 -1.04
N ILE B 149 -9.96 1.91 -2.21
CA ILE B 149 -8.48 1.82 -2.33
C ILE B 149 -8.01 2.05 -3.75
N LEU B 150 -6.77 2.54 -3.85
CA LEU B 150 -5.88 2.43 -5.01
C LEU B 150 -5.14 1.09 -4.90
N ALA B 151 -5.08 0.32 -5.97
CA ALA B 151 -4.31 -0.94 -6.02
C ALA B 151 -3.31 -0.81 -7.15
N ILE B 152 -2.05 -1.12 -6.88
CA ILE B 152 -0.94 -1.16 -7.86
C ILE B 152 -0.45 -2.61 -7.96
N GLN B 153 -0.54 -3.19 -9.16
CA GLN B 153 -0.29 -4.62 -9.43
C GLN B 153 0.81 -4.76 -10.49
N ALA B 154 1.53 -5.88 -10.46
CA ALA B 154 2.53 -6.30 -11.48
C ALA B 154 2.68 -7.81 -11.46
C1 NDG C . 24.97 -18.14 4.22
C2 NDG C . 24.05 -17.17 3.42
C3 NDG C . 24.86 -16.14 2.74
C4 NDG C . 25.76 -15.43 3.78
C5 NDG C . 26.58 -16.45 4.53
C6 NDG C . 27.51 -15.79 5.60
C7 NDG C . 21.92 -18.18 2.79
C8 NDG C . 21.14 -19.09 1.81
O5 NDG C . 25.71 -17.37 5.16
O3 NDG C . 23.95 -15.18 2.10
O4 NDG C . 26.69 -14.57 3.09
O6 NDG C . 26.77 -14.92 6.46
O7 NDG C . 21.30 -17.53 3.62
N2 NDG C . 23.21 -17.96 2.51
O1 NDG C . 25.88 -18.89 3.33
C1 GAL C . 26.44 -13.18 3.15
C2 GAL C . 27.74 -12.50 2.71
C3 GAL C . 27.51 -11.00 2.50
C4 GAL C . 26.33 -10.84 1.55
C5 GAL C . 25.17 -11.50 2.21
C6 GAL C . 23.90 -11.32 1.44
O2 GAL C . 28.70 -12.77 3.74
O3 GAL C . 28.67 -10.41 1.92
O4 GAL C . 26.60 -11.52 0.23
O5 GAL C . 25.42 -12.88 2.24
O6 GAL C . 23.62 -9.95 1.44
C1 NDG D . -17.45 24.84 -6.59
C2 NDG D . -16.30 24.17 -5.73
C3 NDG D . -15.06 25.03 -5.68
C4 NDG D . -14.71 25.51 -7.11
C5 NDG D . -15.90 26.17 -7.82
C6 NDG D . -15.50 26.61 -9.26
C7 NDG D . -17.19 22.54 -4.20
C8 NDG D . -17.73 22.20 -2.80
O5 NDG D . -16.95 25.27 -7.91
O3 NDG D . -14.01 24.15 -5.19
O4 NDG D . -13.63 26.46 -7.11
O6 NDG D . -15.18 25.44 -10.06
O7 NDG D . -17.06 21.65 -5.06
N2 NDG D . -16.81 23.80 -4.39
O1 NDG D . -18.04 25.90 -5.80
C1 GAL D . -12.40 26.00 -7.64
C2 GAL D . -11.55 27.23 -7.97
C3 GAL D . -10.11 26.84 -8.20
C4 GAL D . -9.62 26.01 -7.03
C5 GAL D . -10.57 24.80 -6.93
C6 GAL D . -10.18 23.85 -5.83
O2 GAL D . -12.03 27.81 -9.16
O3 GAL D . -9.33 28.03 -8.29
O4 GAL D . -9.66 26.83 -5.83
O5 GAL D . -11.85 25.26 -6.56
O6 GAL D . -8.94 23.32 -6.19
C1 EDO E . 16.38 -4.90 6.75
O1 EDO E . 17.13 -4.59 5.60
C2 EDO E . 15.74 -3.72 7.41
O2 EDO E . 15.21 -2.78 6.47
#